data_3QMB
#
_entry.id   3QMB
#
_cell.length_a   37.375
_cell.length_b   71.965
_cell.length_c   115.600
_cell.angle_alpha   90.000
_cell.angle_beta   90.000
_cell.angle_gamma   90.000
#
_symmetry.space_group_name_H-M   'C 2 2 21'
#
loop_
_entity.id
_entity.type
_entity.pdbx_description
1 polymer 'CpG-binding protein'
2 polymer "5'-D(*GP*CP*CP*AP*CP*CP*GP*GP*TP*GP*GP*C)-3'"
3 non-polymer 'ZINC ION'
4 non-polymer 'CALCIUM ION'
5 water water
#
loop_
_entity_poly.entity_id
_entity_poly.type
_entity_poly.pdbx_seq_one_letter_code
_entity_poly.pdbx_strand_id
1 'polypeptide(L)' MHHHHHHSSRENLYFQGQIKRSARMCGECEACRRTEDCGHCDFCRDMKKFGGPNKIRQKCRLRQCQLRARESYKYFPSS A
2 'polydeoxyribonucleotide' (DG)(DC)(DC)(DA)(DC)(DC)(DG)(DG)(DT)(DG)(DG)(DC) B,C
#
# COMPACT_ATOMS: atom_id res chain seq x y z
N ARG A 21 1.46 9.12 11.14
CA ARG A 21 0.13 9.82 11.11
C ARG A 21 0.16 11.05 10.20
N SER A 22 -0.17 10.84 8.94
CA SER A 22 -0.15 11.88 7.91
C SER A 22 -1.54 12.02 7.30
N ALA A 23 -1.64 12.73 6.16
CA ALA A 23 -2.94 12.88 5.48
C ALA A 23 -3.50 11.55 4.99
N ARG A 24 -2.61 10.59 4.70
CA ARG A 24 -3.05 9.34 4.13
C ARG A 24 -2.95 8.12 5.08
N MET A 25 -2.59 8.39 6.35
CA MET A 25 -2.34 7.35 7.36
C MET A 25 -2.94 7.74 8.72
N CYS A 26 -3.87 6.93 9.22
CA CYS A 26 -4.49 7.18 10.53
C CYS A 26 -3.58 6.69 11.64
N GLY A 27 -2.64 5.81 11.28
CA GLY A 27 -1.64 5.28 12.20
C GLY A 27 -2.16 4.23 13.15
N GLU A 28 -3.42 3.84 12.98
CA GLU A 28 -4.09 3.00 13.96
C GLU A 28 -4.68 1.70 13.40
N CYS A 29 -5.10 1.73 12.14
CA CYS A 29 -5.73 0.54 11.53
C CYS A 29 -4.70 -0.56 11.26
N GLU A 30 -5.21 -1.75 10.95
CA GLU A 30 -4.35 -2.87 10.58
C GLU A 30 -3.43 -2.57 9.38
N ALA A 31 -3.91 -1.80 8.40
CA ALA A 31 -3.04 -1.44 7.26
C ALA A 31 -1.90 -0.54 7.71
N CYS A 32 -2.22 0.48 8.51
CA CYS A 32 -1.22 1.40 9.00
C CYS A 32 -0.14 0.71 9.85
N ARG A 33 -0.53 -0.33 10.60
CA ARG A 33 0.43 -1.08 11.42
C ARG A 33 1.26 -2.15 10.69
N ARG A 34 0.99 -2.39 9.41
CA ARG A 34 1.83 -3.30 8.62
C ARG A 34 3.05 -2.55 8.10
N THR A 35 4.22 -3.16 8.19
CA THR A 35 5.42 -2.56 7.57
C THR A 35 5.92 -3.34 6.37
N GLU A 36 5.38 -4.55 6.20
CA GLU A 36 5.87 -5.45 5.15
C GLU A 36 4.93 -5.46 3.95
N ASP A 37 5.51 -5.41 2.75
CA ASP A 37 4.72 -5.50 1.51
C ASP A 37 4.36 -6.96 1.26
N CYS A 38 3.15 -7.21 0.77
CA CYS A 38 2.69 -8.60 0.61
C CYS A 38 3.38 -9.30 -0.56
N GLY A 39 3.60 -8.56 -1.64
CA GLY A 39 4.34 -9.06 -2.80
C GLY A 39 3.47 -9.74 -3.83
N HIS A 40 2.15 -9.69 -3.62
CA HIS A 40 1.24 -10.45 -4.48
C HIS A 40 0.04 -9.65 -4.99
N CYS A 41 -0.13 -8.43 -4.46
CA CYS A 41 -1.18 -7.53 -4.93
C CYS A 41 -0.72 -6.73 -6.16
N ASP A 42 -1.64 -5.99 -6.79
CA ASP A 42 -1.31 -5.26 -8.01
C ASP A 42 -0.23 -4.19 -7.78
N PHE A 43 -0.27 -3.55 -6.61
CA PHE A 43 0.69 -2.48 -6.27
C PHE A 43 2.09 -3.05 -5.99
N CYS A 44 2.15 -4.19 -5.31
CA CYS A 44 3.42 -4.87 -5.05
C CYS A 44 4.03 -5.40 -6.36
N ARG A 45 3.19 -6.03 -7.18
CA ARG A 45 3.64 -6.60 -8.46
C ARG A 45 4.19 -5.52 -9.41
N ASP A 46 3.74 -4.29 -9.22
CA ASP A 46 4.26 -3.15 -9.98
C ASP A 46 5.68 -2.76 -9.55
N MET A 47 6.01 -3.05 -8.29
CA MET A 47 7.28 -2.64 -7.69
C MET A 47 8.45 -3.38 -8.30
N LYS A 48 9.56 -2.65 -8.49
CA LYS A 48 10.80 -3.24 -9.00
C LYS A 48 11.27 -4.48 -8.17
N LYS A 49 11.20 -4.39 -6.84
CA LYS A 49 11.71 -5.46 -5.99
C LYS A 49 10.90 -6.77 -6.13
N PHE A 50 9.72 -6.67 -6.74
CA PHE A 50 8.94 -7.86 -7.09
C PHE A 50 8.90 -8.10 -8.60
N GLY A 51 9.81 -7.46 -9.33
CA GLY A 51 9.97 -7.65 -10.77
C GLY A 51 9.11 -6.79 -11.69
N GLY A 52 8.40 -5.81 -11.14
CA GLY A 52 7.49 -4.98 -11.95
C GLY A 52 8.10 -3.74 -12.59
N PRO A 53 7.32 -3.02 -13.42
CA PRO A 53 7.84 -1.89 -14.20
C PRO A 53 7.78 -0.54 -13.47
N ASN A 54 7.27 -0.54 -12.23
CA ASN A 54 7.31 0.65 -11.38
C ASN A 54 6.60 1.85 -12.04
N LYS A 55 5.42 1.60 -12.58
CA LYS A 55 4.67 2.61 -13.32
C LYS A 55 3.46 3.13 -12.56
N ILE A 56 3.06 2.41 -11.50
CA ILE A 56 1.88 2.77 -10.69
C ILE A 56 2.31 3.51 -9.42
N ARG A 57 3.30 2.95 -8.70
CA ARG A 57 4.04 3.67 -7.66
C ARG A 57 3.18 3.96 -6.40
N GLN A 58 2.48 2.92 -5.94
CA GLN A 58 1.71 3.01 -4.71
C GLN A 58 2.12 1.91 -3.74
N LYS A 59 1.75 2.10 -2.48
CA LYS A 59 2.03 1.14 -1.43
C LYS A 59 1.18 -0.11 -1.65
N CYS A 60 1.71 -1.23 -1.15
CA CYS A 60 0.99 -2.46 -1.03
C CYS A 60 -0.49 -2.25 -0.63
N ARG A 61 -1.41 -2.93 -1.34
CA ARG A 61 -2.84 -2.89 -1.02
C ARG A 61 -3.12 -3.12 0.48
N LEU A 62 -2.34 -4.01 1.11
CA LEU A 62 -2.53 -4.35 2.53
C LEU A 62 -2.06 -3.25 3.47
N ARG A 63 -1.31 -2.28 2.93
CA ARG A 63 -0.80 -1.20 3.74
C ARG A 63 -1.57 0.10 3.50
N GLN A 64 -2.64 0.01 2.69
CA GLN A 64 -3.44 1.19 2.36
C GLN A 64 -4.40 1.51 3.51
N CYS A 65 -4.18 2.65 4.16
CA CYS A 65 -4.95 3.03 5.36
C CYS A 65 -6.45 2.91 5.14
N GLN A 66 -7.11 2.18 6.05
CA GLN A 66 -8.55 1.93 5.98
C GLN A 66 -9.39 3.20 6.14
N LEU A 67 -8.86 4.19 6.84
CA LEU A 67 -9.59 5.44 7.07
C LEU A 67 -9.27 6.57 6.09
N ARG A 68 -8.02 6.64 5.64
CA ARG A 68 -7.54 7.84 4.93
C ARG A 68 -6.99 7.66 3.49
N ALA A 69 -6.79 6.42 3.05
CA ALA A 69 -6.28 6.21 1.68
C ALA A 69 -7.34 6.54 0.63
N ARG A 70 -6.93 6.89 -0.58
CA ARG A 70 -7.91 7.08 -1.65
C ARG A 70 -8.70 5.77 -1.76
N GLU A 71 -10.02 5.88 -1.95
CA GLU A 71 -10.91 4.71 -1.82
C GLU A 71 -10.53 3.52 -2.70
N SER A 72 -10.10 3.81 -3.93
CA SER A 72 -9.76 2.76 -4.89
C SER A 72 -8.43 2.07 -4.57
N TYR A 73 -7.69 2.59 -3.58
CA TYR A 73 -6.47 1.94 -3.11
C TYR A 73 -6.78 0.89 -2.06
N LYS A 74 -7.85 1.10 -1.30
CA LYS A 74 -8.23 0.17 -0.21
C LYS A 74 -8.48 -1.26 -0.70
#